data_9FB1
#
_entry.id   9FB1
#
_cell.length_a   107.190
_cell.length_b   107.190
_cell.length_c   176.513
_cell.angle_alpha   90.000
_cell.angle_beta   90.000
_cell.angle_gamma   90.000
#
_symmetry.space_group_name_H-M   'P 41 2 2'
#
_entity_poly.entity_id   1
_entity_poly.type   'polypeptide(L)'
_entity_poly.pdbx_seq_one_letter_code
;MGSSHHHHHHSSGLVPRGSHMVNDNQLAPVARPRSPLELLDTVPDSLLRRLKQYSGRLATEAVSAMQERLPFFADLEASQ
RASVALVVQTAVVNFVEWMHDPHSDVGYTAQAFELVPQDLTRRIALRQTVDMVRVTMEFFEEVVPLLARSEEQLTALTVG
ILKYSRDLAFTAATAYADAAE
;
_entity_poly.pdbx_strand_id   A,B,C,D
#
# COMPACT_ATOMS: atom_id res chain seq x y z
N SER A 35 -6.31 29.07 3.78
CA SER A 35 -7.22 28.09 4.43
C SER A 35 -6.47 26.78 4.68
N PRO A 36 -6.77 26.04 5.78
CA PRO A 36 -6.15 24.73 5.99
C PRO A 36 -6.26 23.73 4.84
N LEU A 37 -7.21 23.95 3.92
CA LEU A 37 -7.36 23.14 2.71
C LEU A 37 -6.24 23.46 1.72
N GLU A 38 -5.97 24.76 1.55
CA GLU A 38 -4.91 25.23 0.69
C GLU A 38 -3.56 24.68 1.19
N LEU A 39 -3.47 24.43 2.50
CA LEU A 39 -2.26 23.90 3.13
C LEU A 39 -1.99 22.49 2.62
N LEU A 40 -3.07 21.71 2.43
CA LEU A 40 -2.96 20.33 2.01
C LEU A 40 -2.45 20.27 0.57
N ASP A 41 -2.94 21.21 -0.24
CA ASP A 41 -2.64 21.27 -1.66
C ASP A 41 -1.13 21.42 -1.87
N THR A 42 -0.43 21.98 -0.88
CA THR A 42 0.98 22.34 -0.98
C THR A 42 1.87 21.11 -0.80
N VAL A 43 1.31 19.97 -0.38
CA VAL A 43 2.10 18.79 -0.08
C VAL A 43 2.46 18.07 -1.39
N PRO A 44 3.75 17.91 -1.69
CA PRO A 44 4.15 17.24 -2.93
C PRO A 44 3.76 15.77 -2.90
N ASP A 45 3.32 15.27 -4.05
CA ASP A 45 3.31 13.84 -4.32
C ASP A 45 4.64 13.20 -3.92
N SER A 46 5.75 13.95 -4.03
CA SER A 46 7.06 13.53 -3.54
C SER A 46 6.97 12.94 -2.14
N LEU A 47 6.35 13.71 -1.25
CA LEU A 47 6.29 13.37 0.17
C LEU A 47 5.32 12.22 0.37
N LEU A 48 4.14 12.35 -0.28
CA LEU A 48 3.11 11.34 -0.21
C LEU A 48 3.64 10.01 -0.76
N ARG A 49 4.31 10.06 -1.92
CA ARG A 49 4.88 8.87 -2.50
C ARG A 49 5.84 8.25 -1.48
N ARG A 50 6.70 9.10 -0.87
CA ARG A 50 7.68 8.67 0.11
C ARG A 50 6.99 7.96 1.28
N LEU A 51 5.86 8.55 1.72
CA LEU A 51 5.11 8.05 2.84
C LEU A 51 4.62 6.62 2.58
N LYS A 52 4.02 6.39 1.41
CA LYS A 52 3.53 5.05 1.07
C LYS A 52 4.70 4.08 0.99
N GLN A 53 5.84 4.54 0.47
CA GLN A 53 7.04 3.73 0.37
C GLN A 53 7.46 3.25 1.76
N TYR A 54 7.40 4.15 2.77
CA TYR A 54 7.90 3.85 4.11
C TYR A 54 6.82 3.24 5.01
N SER A 55 5.62 3.08 4.45
CA SER A 55 4.43 2.64 5.19
C SER A 55 4.69 1.43 6.09
N GLY A 56 5.34 0.40 5.56
CA GLY A 56 5.54 -0.83 6.33
C GLY A 56 6.48 -0.61 7.50
N ARG A 57 7.51 0.25 7.31
CA ARG A 57 8.44 0.54 8.38
C ARG A 57 7.69 1.23 9.51
N LEU A 58 6.91 2.24 9.12
CA LEU A 58 6.13 3.04 10.06
C LEU A 58 5.21 2.12 10.87
N ALA A 59 4.54 1.20 10.17
CA ALA A 59 3.57 0.28 10.77
C ALA A 59 4.25 -0.60 11.80
N THR A 60 5.49 -1.03 11.51
CA THR A 60 6.28 -1.80 12.44
C THR A 60 6.60 -0.95 13.67
N GLU A 61 6.98 0.31 13.45
CA GLU A 61 7.34 1.22 14.53
C GLU A 61 6.13 1.54 15.40
N ALA A 62 4.97 1.70 14.75
CA ALA A 62 3.70 1.91 15.43
C ALA A 62 3.38 0.75 16.37
N VAL A 63 3.59 -0.48 15.88
CA VAL A 63 3.32 -1.68 16.65
C VAL A 63 4.29 -1.76 17.83
N SER A 64 5.54 -1.35 17.62
CA SER A 64 6.49 -1.26 18.73
C SER A 64 5.99 -0.29 19.80
N ALA A 65 5.52 0.88 19.37
CA ALA A 65 4.97 1.90 20.26
C ALA A 65 3.75 1.36 21.00
N MET A 66 2.94 0.54 20.33
CA MET A 66 1.81 -0.12 20.97
C MET A 66 2.26 -1.10 22.05
N GLN A 67 3.31 -1.86 21.76
CA GLN A 67 3.88 -2.83 22.70
C GLN A 67 4.35 -2.11 23.97
N GLU A 68 4.86 -0.90 23.83
CA GLU A 68 5.43 -0.11 24.90
C GLU A 68 4.31 0.52 25.74
N ARG A 69 3.28 1.05 25.06
CA ARG A 69 2.27 1.90 25.68
C ARG A 69 1.04 1.10 26.14
N LEU A 70 0.78 -0.05 25.51
CA LEU A 70 -0.37 -0.88 25.83
C LEU A 70 0.06 -2.21 26.44
N PRO A 71 -0.16 -2.41 27.75
CA PRO A 71 0.31 -3.63 28.44
C PRO A 71 -0.11 -4.92 27.76
N PHE A 72 -1.40 -5.01 27.39
CA PHE A 72 -2.00 -6.24 26.87
C PHE A 72 -1.44 -6.57 25.49
N PHE A 73 -0.85 -5.59 24.81
CA PHE A 73 -0.40 -5.76 23.43
C PHE A 73 0.79 -6.70 23.37
N ALA A 74 1.66 -6.65 24.38
CA ALA A 74 2.80 -7.55 24.48
C ALA A 74 2.33 -9.01 24.63
N ASP A 75 1.12 -9.21 25.18
CA ASP A 75 0.58 -10.53 25.42
C ASP A 75 0.03 -11.17 24.14
N LEU A 76 -0.14 -10.39 23.07
CA LEU A 76 -0.71 -10.89 21.83
C LEU A 76 0.28 -11.84 21.13
N GLU A 77 -0.29 -12.78 20.37
CA GLU A 77 0.48 -13.73 19.57
C GLU A 77 1.26 -12.98 18.50
N ALA A 78 2.42 -13.50 18.09
CA ALA A 78 3.24 -12.85 17.08
C ALA A 78 2.49 -12.74 15.75
N SER A 79 1.65 -13.74 15.47
CA SER A 79 0.80 -13.76 14.29
C SER A 79 -0.17 -12.59 14.30
N GLN A 80 -0.81 -12.38 15.45
CA GLN A 80 -1.79 -11.32 15.61
C GLN A 80 -1.11 -9.96 15.50
N ARG A 81 0.02 -9.77 16.20
CA ARG A 81 0.77 -8.52 16.19
C ARG A 81 1.11 -8.15 14.75
N ALA A 82 1.52 -9.15 13.97
CA ALA A 82 1.87 -8.98 12.57
C ALA A 82 0.65 -8.52 11.78
N SER A 83 -0.51 -9.14 12.06
CA SER A 83 -1.73 -8.79 11.33
C SER A 83 -2.14 -7.34 11.64
N VAL A 84 -1.98 -6.92 12.91
CA VAL A 84 -2.29 -5.56 13.33
C VAL A 84 -1.43 -4.62 12.50
N ALA A 85 -0.15 -4.95 12.41
CA ALA A 85 0.81 -4.10 11.73
C ALA A 85 0.42 -3.95 10.26
N LEU A 86 -0.14 -5.01 9.68
CA LEU A 86 -0.66 -4.99 8.33
C LEU A 86 -1.76 -3.93 8.21
N VAL A 87 -2.67 -3.99 9.18
CA VAL A 87 -3.79 -3.06 9.20
C VAL A 87 -3.32 -1.61 9.31
N VAL A 88 -2.35 -1.38 10.21
CA VAL A 88 -1.69 -0.10 10.37
C VAL A 88 -1.12 0.35 9.03
N GLN A 89 -0.39 -0.56 8.36
CA GLN A 89 0.23 -0.29 7.07
C GLN A 89 -0.82 0.14 6.05
N THR A 90 -1.95 -0.60 6.00
CA THR A 90 -3.00 -0.25 5.05
C THR A 90 -3.55 1.15 5.34
N ALA A 91 -3.72 1.43 6.65
CA ALA A 91 -4.19 2.73 7.09
C ALA A 91 -3.30 3.86 6.58
N VAL A 92 -1.97 3.62 6.64
CA VAL A 92 -0.95 4.57 6.17
C VAL A 92 -1.17 4.91 4.69
N VAL A 93 -1.40 3.84 3.92
CA VAL A 93 -1.56 3.93 2.49
C VAL A 93 -2.84 4.72 2.18
N ASN A 94 -3.91 4.40 2.93
CA ASN A 94 -5.21 5.03 2.75
C ASN A 94 -5.12 6.51 3.05
N PHE A 95 -4.35 6.84 4.09
CA PHE A 95 -4.09 8.23 4.46
C PHE A 95 -3.47 8.98 3.31
N VAL A 96 -2.46 8.34 2.71
CA VAL A 96 -1.73 8.94 1.60
C VAL A 96 -2.65 9.18 0.41
N GLU A 97 -3.56 8.21 0.15
CA GLU A 97 -4.49 8.38 -0.95
C GLU A 97 -5.44 9.54 -0.64
N TRP A 98 -5.92 9.59 0.60
CA TRP A 98 -6.82 10.63 1.04
C TRP A 98 -6.19 12.00 0.85
N MET A 99 -4.89 12.12 1.15
CA MET A 99 -4.22 13.40 1.02
C MET A 99 -4.24 13.89 -0.43
N HIS A 100 -4.22 12.95 -1.39
CA HIS A 100 -4.18 13.29 -2.81
C HIS A 100 -5.55 13.83 -3.21
N ASP A 101 -6.55 12.96 -3.11
CA ASP A 101 -7.93 13.36 -3.26
C ASP A 101 -8.62 13.15 -1.92
N PRO A 102 -8.92 14.24 -1.17
CA PRO A 102 -9.72 14.10 0.04
C PRO A 102 -11.17 13.87 -0.38
N HIS A 103 -11.36 13.32 -1.59
CA HIS A 103 -12.68 13.11 -2.17
C HIS A 103 -13.58 12.37 -1.17
N SER A 104 -12.97 11.39 -0.49
CA SER A 104 -13.62 10.49 0.46
C SER A 104 -14.61 9.57 -0.23
N ASP A 105 -14.74 9.69 -1.56
CA ASP A 105 -15.52 8.79 -2.38
C ASP A 105 -14.70 8.20 -3.52
N VAL A 106 -13.75 8.98 -4.06
CA VAL A 106 -12.87 8.47 -5.10
C VAL A 106 -12.02 7.35 -4.48
N GLY A 107 -11.44 7.63 -3.31
CA GLY A 107 -10.68 6.64 -2.57
C GLY A 107 -11.30 5.24 -2.70
N TYR A 108 -12.56 5.13 -2.29
CA TYR A 108 -13.33 3.89 -2.37
C TYR A 108 -12.43 2.68 -2.09
N THR A 109 -11.71 2.76 -0.97
CA THR A 109 -10.77 1.72 -0.57
C THR A 109 -10.90 1.44 0.92
N ALA A 110 -12.01 0.81 1.28
CA ALA A 110 -12.29 0.42 2.66
C ALA A 110 -12.08 -1.09 2.83
N GLN A 111 -10.86 -1.53 2.49
CA GLN A 111 -10.38 -2.89 2.70
C GLN A 111 -10.81 -3.45 4.06
N ALA A 112 -11.41 -4.65 4.03
CA ALA A 112 -11.77 -5.32 5.28
C ALA A 112 -11.52 -6.83 5.25
N PHE A 113 -10.35 -7.22 5.78
CA PHE A 113 -9.97 -8.62 5.92
C PHE A 113 -9.48 -8.83 7.36
N GLU A 114 -9.50 -7.75 8.14
CA GLU A 114 -9.22 -7.80 9.57
C GLU A 114 -10.33 -8.58 10.25
N LEU A 115 -9.97 -9.59 11.06
CA LEU A 115 -10.95 -10.37 11.82
C LEU A 115 -11.77 -11.29 10.91
N VAL A 116 -11.35 -11.44 9.64
CA VAL A 116 -11.95 -12.43 8.75
C VAL A 116 -11.79 -13.82 9.39
N PRO A 117 -10.58 -14.21 9.86
CA PRO A 117 -10.40 -15.46 10.58
C PRO A 117 -11.44 -15.60 11.67
N GLN A 118 -11.63 -14.54 12.49
CA GLN A 118 -12.62 -14.59 13.57
C GLN A 118 -13.12 -13.19 13.93
N ASP A 119 -14.44 -13.03 14.07
CA ASP A 119 -15.00 -11.80 14.63
C ASP A 119 -14.34 -11.60 16.00
N LEU A 120 -13.86 -10.38 16.27
CA LEU A 120 -13.04 -10.15 17.45
C LEU A 120 -12.11 -11.34 17.57
N THR A 121 -11.28 -11.56 16.55
CA THR A 121 -10.39 -12.72 16.52
C THR A 121 -9.81 -12.87 17.94
N ARG A 122 -9.97 -14.07 18.51
CA ARG A 122 -9.53 -14.36 19.87
C ARG A 122 -10.12 -13.30 20.82
N ARG A 123 -11.40 -12.95 20.59
CA ARG A 123 -12.13 -12.00 21.41
C ARG A 123 -11.29 -10.76 21.77
N ILE A 124 -10.75 -10.06 20.78
CA ILE A 124 -10.06 -8.83 21.11
C ILE A 124 -11.08 -7.84 21.69
N ALA A 125 -10.74 -7.18 22.82
CA ALA A 125 -11.75 -6.48 23.60
C ALA A 125 -12.00 -5.08 23.05
N LEU A 126 -13.26 -4.63 23.08
CA LEU A 126 -13.63 -3.34 22.52
C LEU A 126 -12.65 -2.25 23.00
N ARG A 127 -12.42 -2.22 24.31
CA ARG A 127 -11.55 -1.20 24.88
C ARG A 127 -10.17 -1.30 24.25
N GLN A 128 -9.65 -2.52 24.14
CA GLN A 128 -8.30 -2.73 23.67
C GLN A 128 -8.16 -2.21 22.24
N THR A 129 -9.19 -2.45 21.42
CA THR A 129 -9.13 -2.03 20.04
C THR A 129 -9.12 -0.50 19.96
N VAL A 130 -9.90 0.15 20.83
CA VAL A 130 -9.89 1.60 20.93
C VAL A 130 -8.49 2.08 21.32
N ASP A 131 -7.92 1.44 22.34
CA ASP A 131 -6.61 1.78 22.86
C ASP A 131 -5.61 1.70 21.73
N MET A 132 -5.70 0.62 20.92
CA MET A 132 -4.83 0.45 19.78
C MET A 132 -4.99 1.57 18.76
N VAL A 133 -6.24 1.91 18.43
CA VAL A 133 -6.51 2.97 17.47
C VAL A 133 -5.92 4.29 17.98
N ARG A 134 -6.17 4.58 19.25
CA ARG A 134 -5.64 5.78 19.86
C ARG A 134 -4.13 5.81 19.68
N VAL A 135 -3.42 4.79 20.20
CA VAL A 135 -1.97 4.78 20.16
C VAL A 135 -1.45 4.93 18.74
N THR A 136 -2.11 4.27 17.77
CA THR A 136 -1.76 4.38 16.36
C THR A 136 -1.86 5.83 15.88
N MET A 137 -2.97 6.50 16.20
CA MET A 137 -3.20 7.83 15.69
C MET A 137 -2.25 8.81 16.35
N GLU A 138 -2.02 8.65 17.65
CA GLU A 138 -1.07 9.46 18.40
C GLU A 138 0.31 9.34 17.80
N PHE A 139 0.69 8.08 17.50
CA PHE A 139 1.98 7.81 16.90
C PHE A 139 2.13 8.56 15.56
N PHE A 140 1.09 8.48 14.71
CA PHE A 140 1.17 9.12 13.41
C PHE A 140 1.15 10.65 13.53
N GLU A 141 0.43 11.16 14.53
CA GLU A 141 0.39 12.60 14.80
C GLU A 141 1.81 13.06 15.12
N GLU A 142 2.57 12.23 15.86
CA GLU A 142 3.93 12.55 16.27
C GLU A 142 4.89 12.51 15.10
N VAL A 143 4.66 11.61 14.14
CA VAL A 143 5.76 11.26 13.25
C VAL A 143 5.58 11.84 11.84
N VAL A 144 4.38 11.68 11.27
CA VAL A 144 4.11 11.97 9.88
C VAL A 144 4.52 13.41 9.49
N PRO A 145 4.22 14.46 10.31
CA PRO A 145 4.72 15.80 10.02
C PRO A 145 6.21 15.95 9.75
N LEU A 146 7.03 15.07 10.35
CA LEU A 146 8.48 15.16 10.25
C LEU A 146 8.98 14.90 8.83
N LEU A 147 8.15 14.30 7.98
CA LEU A 147 8.65 14.06 6.63
C LEU A 147 8.67 15.39 5.84
N ALA A 148 7.83 16.32 6.30
CA ALA A 148 7.71 17.61 5.64
C ALA A 148 9.10 18.27 5.52
N ARG A 149 9.28 19.10 4.48
CA ARG A 149 10.57 19.73 4.22
C ARG A 149 10.51 21.23 4.51
N SER A 150 9.33 21.74 4.90
CA SER A 150 9.13 23.17 5.11
C SER A 150 7.98 23.39 6.10
N GLU A 151 8.01 24.52 6.83
CA GLU A 151 6.96 24.75 7.83
C GLU A 151 5.57 24.61 7.22
N GLU A 152 5.35 25.25 6.06
CA GLU A 152 4.08 25.15 5.34
C GLU A 152 3.63 23.70 5.20
N GLN A 153 4.55 22.86 4.72
CA GLN A 153 4.31 21.44 4.56
C GLN A 153 4.11 20.77 5.91
N LEU A 154 4.88 21.19 6.92
CA LEU A 154 4.74 20.63 8.25
C LEU A 154 3.33 20.91 8.78
N THR A 155 2.88 22.16 8.69
CA THR A 155 1.55 22.52 9.17
C THR A 155 0.50 21.71 8.40
N ALA A 156 0.65 21.65 7.08
CA ALA A 156 -0.23 20.88 6.19
C ALA A 156 -0.40 19.44 6.66
N LEU A 157 0.74 18.83 6.96
CA LEU A 157 0.78 17.43 7.37
C LEU A 157 0.12 17.25 8.74
N THR A 158 0.40 18.16 9.68
CA THR A 158 -0.20 18.08 11.00
C THR A 158 -1.73 18.21 10.91
N VAL A 159 -2.20 19.16 10.12
CA VAL A 159 -3.62 19.33 9.90
C VAL A 159 -4.21 18.12 9.18
N GLY A 160 -3.49 17.63 8.16
CA GLY A 160 -3.96 16.51 7.34
C GLY A 160 -4.17 15.26 8.19
N ILE A 161 -3.16 14.93 9.01
CA ILE A 161 -3.19 13.71 9.80
C ILE A 161 -4.29 13.81 10.85
N LEU A 162 -4.42 14.98 11.49
CA LEU A 162 -5.38 15.20 12.55
C LEU A 162 -6.81 15.11 12.02
N LYS A 163 -7.01 15.65 10.80
CA LYS A 163 -8.30 15.62 10.16
C LYS A 163 -8.66 14.18 9.79
N TYR A 164 -7.70 13.53 9.13
CA TYR A 164 -7.90 12.15 8.73
C TYR A 164 -8.18 11.30 9.97
N SER A 165 -7.27 11.31 10.96
CA SER A 165 -7.42 10.51 12.17
C SER A 165 -8.86 10.65 12.70
N ARG A 166 -9.33 11.89 12.82
CA ARG A 166 -10.68 12.13 13.34
C ARG A 166 -11.72 11.54 12.38
N ASP A 167 -11.61 11.95 11.11
CA ASP A 167 -12.58 11.55 10.11
C ASP A 167 -12.67 10.02 10.05
N LEU A 168 -11.52 9.37 10.18
CA LEU A 168 -11.44 7.92 10.15
C LEU A 168 -12.11 7.33 11.38
N ALA A 169 -11.79 7.88 12.55
CA ALA A 169 -12.35 7.35 13.77
C ALA A 169 -13.87 7.49 13.74
N PHE A 170 -14.38 8.55 13.11
CA PHE A 170 -15.81 8.75 12.94
C PHE A 170 -16.40 7.62 12.11
N THR A 171 -15.79 7.37 10.94
CA THR A 171 -16.30 6.37 10.03
C THR A 171 -16.24 4.98 10.68
N ALA A 172 -15.19 4.72 11.45
CA ALA A 172 -15.10 3.50 12.25
C ALA A 172 -16.24 3.40 13.26
N ALA A 173 -16.50 4.50 13.97
CA ALA A 173 -17.51 4.48 15.03
C ALA A 173 -18.89 4.22 14.42
N THR A 174 -19.15 4.83 13.26
CA THR A 174 -20.42 4.61 12.58
C THR A 174 -20.52 3.14 12.19
N ALA A 175 -19.46 2.57 11.62
CA ALA A 175 -19.41 1.15 11.28
C ALA A 175 -19.70 0.25 12.48
N TYR A 176 -19.26 0.66 13.66
CA TYR A 176 -19.56 -0.12 14.85
C TYR A 176 -21.01 0.05 15.27
N ALA A 177 -21.57 1.27 15.13
CA ALA A 177 -22.98 1.52 15.42
C ALA A 177 -23.89 0.71 14.51
N ASP A 178 -23.56 0.67 13.21
CA ASP A 178 -24.26 -0.12 12.21
C ASP A 178 -24.31 -1.58 12.60
N ALA A 179 -23.19 -2.14 13.07
CA ALA A 179 -23.11 -3.54 13.43
C ALA A 179 -23.90 -3.87 14.69
N ALA A 180 -24.07 -2.89 15.59
CA ALA A 180 -24.87 -2.99 16.80
C ALA A 180 -26.34 -2.96 16.39
N SER B 35 3.63 4.68 -30.33
CA SER B 35 4.32 3.48 -29.80
C SER B 35 3.48 2.83 -28.71
N PRO B 36 3.53 1.48 -28.50
CA PRO B 36 2.73 0.87 -27.44
C PRO B 36 2.93 1.46 -26.02
N LEU B 37 4.07 2.11 -25.79
CA LEU B 37 4.37 2.75 -24.53
C LEU B 37 3.59 4.07 -24.41
N GLU B 38 3.49 4.82 -25.51
CA GLU B 38 2.66 6.02 -25.55
C GLU B 38 1.20 5.67 -25.26
N LEU B 39 0.80 4.42 -25.57
CA LEU B 39 -0.53 3.90 -25.29
C LEU B 39 -0.78 3.83 -23.78
N LEU B 40 0.26 3.49 -23.01
CA LEU B 40 0.20 3.50 -21.55
C LEU B 40 -0.04 4.93 -21.05
N ASP B 41 0.55 5.91 -21.73
CA ASP B 41 0.25 7.32 -21.47
C ASP B 41 -1.21 7.62 -21.83
N THR B 42 -1.72 6.99 -22.90
CA THR B 42 -3.07 7.22 -23.38
C THR B 42 -4.10 6.44 -22.54
N VAL B 43 -3.63 5.53 -21.70
CA VAL B 43 -4.51 4.73 -20.83
C VAL B 43 -5.50 5.66 -20.10
N PRO B 44 -6.81 5.41 -20.25
CA PRO B 44 -7.82 6.21 -19.54
C PRO B 44 -7.70 6.00 -18.03
N ASP B 45 -7.79 7.11 -17.29
CA ASP B 45 -7.71 7.06 -15.85
C ASP B 45 -8.76 6.11 -15.29
N SER B 46 -9.85 5.89 -16.03
CA SER B 46 -10.88 4.95 -15.64
C SER B 46 -10.27 3.57 -15.44
N LEU B 47 -9.31 3.20 -16.28
CA LEU B 47 -8.61 1.94 -16.18
C LEU B 47 -7.66 1.97 -14.99
N LEU B 48 -6.89 3.05 -14.86
CA LEU B 48 -6.00 3.24 -13.72
C LEU B 48 -6.78 3.18 -12.42
N ARG B 49 -7.90 3.93 -12.36
CA ARG B 49 -8.77 3.93 -11.19
C ARG B 49 -9.15 2.48 -10.86
N ARG B 50 -9.57 1.74 -11.89
CA ARG B 50 -9.99 0.36 -11.77
C ARG B 50 -8.86 -0.49 -11.20
N LEU B 51 -7.65 -0.26 -11.73
CA LEU B 51 -6.45 -0.98 -11.33
C LEU B 51 -6.19 -0.83 -9.84
N LYS B 52 -6.21 0.42 -9.35
CA LYS B 52 -5.99 0.71 -7.95
C LYS B 52 -7.04 0.01 -7.10
N GLN B 53 -8.30 0.04 -7.57
CA GLN B 53 -9.43 -0.57 -6.88
C GLN B 53 -9.20 -2.08 -6.74
N TYR B 54 -8.69 -2.72 -7.80
CA TYR B 54 -8.55 -4.18 -7.85
C TYR B 54 -7.20 -4.62 -7.29
N SER B 55 -6.36 -3.68 -6.87
CA SER B 55 -5.01 -3.96 -6.37
C SER B 55 -5.02 -5.04 -5.27
N GLY B 56 -5.96 -4.88 -4.33
CA GLY B 56 -6.10 -5.80 -3.21
C GLY B 56 -6.45 -7.21 -3.65
N ARG B 57 -7.33 -7.31 -4.65
CA ARG B 57 -7.76 -8.58 -5.19
C ARG B 57 -6.55 -9.27 -5.80
N LEU B 58 -5.82 -8.52 -6.62
CA LEU B 58 -4.67 -9.01 -7.35
C LEU B 58 -3.63 -9.54 -6.38
N ALA B 59 -3.39 -8.80 -5.29
CA ALA B 59 -2.41 -9.19 -4.30
C ALA B 59 -2.81 -10.51 -3.63
N THR B 60 -4.10 -10.66 -3.36
CA THR B 60 -4.64 -11.87 -2.75
C THR B 60 -4.50 -13.05 -3.71
N GLU B 61 -4.84 -12.83 -4.99
CA GLU B 61 -4.75 -13.84 -6.04
C GLU B 61 -3.30 -14.24 -6.28
N ALA B 62 -2.38 -13.28 -6.23
CA ALA B 62 -0.95 -13.53 -6.34
C ALA B 62 -0.48 -14.46 -5.23
N VAL B 63 -0.94 -14.20 -4.01
CA VAL B 63 -0.58 -15.01 -2.86
C VAL B 63 -1.13 -16.43 -3.02
N SER B 64 -2.34 -16.55 -3.57
CA SER B 64 -2.93 -17.85 -3.86
C SER B 64 -2.06 -18.61 -4.85
N ALA B 65 -1.63 -17.91 -5.92
CA ALA B 65 -0.77 -18.49 -6.95
C ALA B 65 0.55 -18.95 -6.34
N MET B 66 1.08 -18.18 -5.38
CA MET B 66 2.30 -18.56 -4.67
C MET B 66 2.09 -19.82 -3.85
N GLN B 67 0.95 -19.91 -3.17
CA GLN B 67 0.61 -21.05 -2.31
C GLN B 67 0.58 -22.33 -3.15
N GLU B 68 0.10 -22.21 -4.40
CA GLU B 68 -0.08 -23.34 -5.30
C GLU B 68 1.25 -23.76 -5.91
N ARG B 69 2.05 -22.77 -6.33
CA ARG B 69 3.20 -22.99 -7.19
C ARG B 69 4.49 -23.15 -6.38
N LEU B 70 4.53 -22.61 -5.16
CA LEU B 70 5.72 -22.66 -4.33
C LEU B 70 5.45 -23.54 -3.12
N PRO B 71 6.12 -24.72 -3.03
CA PRO B 71 5.92 -25.63 -1.89
C PRO B 71 6.09 -24.96 -0.53
N PHE B 72 7.17 -24.18 -0.39
CA PHE B 72 7.54 -23.57 0.87
C PHE B 72 6.58 -22.45 1.23
N PHE B 73 5.79 -21.95 0.26
CA PHE B 73 4.93 -20.80 0.49
C PHE B 73 3.76 -21.19 1.40
N ALA B 74 3.21 -22.39 1.18
CA ALA B 74 2.13 -22.87 2.02
C ALA B 74 2.66 -23.15 3.43
N ASP B 75 3.97 -23.45 3.53
CA ASP B 75 4.62 -23.81 4.77
C ASP B 75 4.88 -22.56 5.62
N LEU B 76 4.83 -21.36 5.01
CA LEU B 76 5.10 -20.13 5.74
C LEU B 76 3.89 -19.79 6.62
N GLU B 77 4.13 -19.13 7.76
CA GLU B 77 3.09 -18.87 8.75
C GLU B 77 2.08 -17.88 8.20
N ALA B 78 0.80 -18.06 8.61
CA ALA B 78 -0.31 -17.38 7.96
C ALA B 78 -0.20 -15.87 8.16
N SER B 79 0.32 -15.47 9.32
CA SER B 79 0.55 -14.07 9.66
C SER B 79 1.54 -13.44 8.68
N GLN B 80 2.64 -14.15 8.41
CA GLN B 80 3.69 -13.64 7.55
C GLN B 80 3.19 -13.55 6.11
N ARG B 81 2.51 -14.62 5.66
CA ARG B 81 1.98 -14.70 4.31
C ARG B 81 1.06 -13.50 4.08
N ALA B 82 0.23 -13.20 5.08
CA ALA B 82 -0.70 -12.07 5.03
C ALA B 82 0.06 -10.76 4.91
N SER B 83 1.15 -10.63 5.68
CA SER B 83 1.94 -9.40 5.72
C SER B 83 2.57 -9.13 4.35
N VAL B 84 3.14 -10.18 3.77
CA VAL B 84 3.78 -10.04 2.48
C VAL B 84 2.69 -9.95 1.41
N ALA B 85 1.43 -10.23 1.77
CA ALA B 85 0.30 -10.10 0.88
C ALA B 85 0.17 -8.62 0.52
N LEU B 86 0.27 -7.73 1.51
CA LEU B 86 0.27 -6.30 1.25
C LEU B 86 1.62 -5.90 0.64
N VAL B 87 2.69 -6.63 1.02
CA VAL B 87 3.99 -6.46 0.38
C VAL B 87 3.89 -6.74 -1.12
N VAL B 88 3.12 -7.75 -1.54
CA VAL B 88 2.64 -7.81 -2.93
C VAL B 88 1.81 -6.55 -3.20
N GLN B 89 0.88 -6.26 -2.27
CA GLN B 89 0.04 -5.07 -2.34
C GLN B 89 0.90 -3.82 -2.41
N THR B 90 1.93 -3.73 -1.55
CA THR B 90 2.85 -2.60 -1.55
C THR B 90 3.45 -2.46 -2.96
N ALA B 91 3.99 -3.57 -3.46
CA ALA B 91 4.52 -3.65 -4.82
C ALA B 91 3.40 -3.42 -5.82
N VAL B 92 2.20 -3.98 -5.54
CA VAL B 92 1.03 -3.83 -6.40
C VAL B 92 0.61 -2.36 -6.42
N VAL B 93 0.65 -1.70 -5.26
CA VAL B 93 0.31 -0.29 -5.18
C VAL B 93 1.32 0.55 -5.97
N ASN B 94 2.61 0.23 -5.84
CA ASN B 94 3.67 0.94 -6.54
C ASN B 94 3.52 0.75 -8.05
N PHE B 95 3.15 -0.45 -8.45
CA PHE B 95 2.87 -0.75 -9.84
C PHE B 95 1.75 0.15 -10.35
N VAL B 96 0.69 0.28 -9.55
CA VAL B 96 -0.44 1.13 -9.88
C VAL B 96 0.00 2.58 -10.04
N GLU B 97 0.88 3.05 -9.14
CA GLU B 97 1.40 4.41 -9.24
C GLU B 97 2.21 4.56 -10.53
N TRP B 98 3.07 3.57 -10.81
CA TRP B 98 3.77 3.48 -12.08
C TRP B 98 2.78 3.45 -13.24
N MET B 99 1.62 2.84 -13.03
CA MET B 99 0.56 2.91 -14.01
C MET B 99 0.07 4.33 -14.27
N HIS B 100 0.09 5.16 -13.23
CA HIS B 100 -0.31 6.57 -13.35
C HIS B 100 0.71 7.35 -14.18
N ASP B 101 1.95 6.85 -14.22
CA ASP B 101 3.05 7.50 -14.91
C ASP B 101 3.79 6.48 -15.76
N PRO B 102 3.73 6.56 -17.11
CA PRO B 102 4.53 5.68 -17.97
C PRO B 102 6.02 5.99 -17.96
N HIS B 103 6.39 7.06 -17.25
CA HIS B 103 7.76 7.56 -17.15
C HIS B 103 8.52 6.71 -16.14
N SER B 104 9.76 7.09 -15.79
CA SER B 104 10.71 6.22 -15.11
C SER B 104 10.36 5.95 -13.63
N ASP B 105 11.18 5.10 -13.02
CA ASP B 105 10.99 4.63 -11.64
C ASP B 105 11.45 5.68 -10.64
N VAL B 106 10.86 6.87 -10.70
CA VAL B 106 11.36 7.97 -9.88
C VAL B 106 11.28 7.58 -8.40
N GLY B 107 10.19 6.93 -8.01
CA GLY B 107 10.12 6.13 -6.79
C GLY B 107 10.14 4.64 -7.17
N TYR B 108 9.00 3.96 -6.94
CA TYR B 108 8.75 2.61 -7.48
C TYR B 108 10.00 1.75 -7.28
N THR B 109 10.53 1.84 -6.05
CA THR B 109 11.69 1.11 -5.59
C THR B 109 11.44 0.71 -4.13
N ALA B 110 11.96 -0.47 -3.73
CA ALA B 110 11.89 -0.95 -2.35
C ALA B 110 10.43 -1.18 -1.95
N GLN B 111 9.61 -1.70 -2.88
CA GLN B 111 8.29 -2.21 -2.56
C GLN B 111 8.51 -3.12 -1.37
N ALA B 112 9.69 -3.76 -1.33
CA ALA B 112 10.25 -4.38 -0.13
C ALA B 112 11.76 -4.50 -0.28
N PHE B 113 12.49 -4.27 0.82
CA PHE B 113 13.91 -4.56 0.90
C PHE B 113 14.15 -5.50 2.08
N GLU B 114 14.83 -6.63 1.84
CA GLU B 114 15.04 -7.68 2.82
C GLU B 114 13.67 -8.21 3.27
N LEU B 115 13.50 -8.48 4.57
CA LEU B 115 12.23 -8.95 5.11
C LEU B 115 12.00 -8.40 6.52
N VAL B 116 10.80 -7.84 6.79
CA VAL B 116 10.44 -7.39 8.12
C VAL B 116 10.56 -8.58 9.08
N PRO B 117 10.04 -9.80 8.73
CA PRO B 117 10.38 -11.02 9.46
C PRO B 117 11.90 -11.14 9.49
N GLN B 118 12.45 -11.29 10.71
CA GLN B 118 13.88 -11.48 10.89
C GLN B 118 14.07 -12.29 12.18
N ASP B 119 13.55 -13.52 12.15
CA ASP B 119 13.53 -14.37 13.34
C ASP B 119 13.54 -15.84 12.92
N LEU B 120 13.99 -16.70 13.83
CA LEU B 120 13.98 -18.14 13.63
C LEU B 120 12.64 -18.62 13.06
N THR B 121 11.56 -17.85 13.29
CA THR B 121 10.23 -18.21 12.84
C THR B 121 10.19 -18.17 11.31
N ARG B 122 11.35 -17.89 10.70
CA ARG B 122 11.54 -17.94 9.25
C ARG B 122 11.04 -16.66 8.57
N ARG B 123 11.88 -16.07 7.71
CA ARG B 123 11.46 -15.02 6.80
C ARG B 123 11.55 -15.59 5.39
N ILE B 124 11.05 -14.87 4.39
CA ILE B 124 11.30 -15.35 3.04
C ILE B 124 12.80 -15.14 2.74
N ALA B 125 13.45 -16.11 2.07
CA ALA B 125 14.90 -16.10 1.94
C ALA B 125 15.44 -16.54 0.57
N LEU B 126 16.48 -15.84 0.10
CA LEU B 126 17.26 -16.23 -1.06
C LEU B 126 16.32 -16.57 -2.22
N ARG B 127 16.63 -17.69 -2.88
CA ARG B 127 15.81 -18.16 -3.99
C ARG B 127 14.33 -17.89 -3.67
N GLN B 128 13.91 -18.24 -2.46
CA GLN B 128 12.47 -18.14 -2.21
C GLN B 128 12.01 -16.74 -2.59
N THR B 129 12.80 -15.73 -2.20
CA THR B 129 12.40 -14.36 -2.47
C THR B 129 12.18 -14.24 -3.97
N VAL B 130 13.16 -14.74 -4.73
CA VAL B 130 13.12 -14.63 -6.18
C VAL B 130 11.96 -15.48 -6.67
N ASP B 131 11.88 -16.74 -6.16
CA ASP B 131 10.83 -17.66 -6.59
C ASP B 131 9.48 -16.97 -6.49
N MET B 132 9.29 -16.25 -5.38
CA MET B 132 8.10 -15.47 -5.16
C MET B 132 7.97 -14.38 -6.21
N VAL B 133 9.08 -13.63 -6.44
CA VAL B 133 9.05 -12.56 -7.41
C VAL B 133 8.67 -13.08 -8.79
N ARG B 134 9.36 -14.15 -9.18
CA ARG B 134 9.08 -14.75 -10.48
C ARG B 134 7.61 -15.11 -10.60
N VAL B 135 7.14 -15.94 -9.66
CA VAL B 135 5.78 -16.46 -9.66
C VAL B 135 4.81 -15.30 -9.80
N THR B 136 5.03 -14.24 -9.01
CA THR B 136 4.12 -13.10 -8.99
C THR B 136 4.11 -12.40 -10.32
N MET B 137 5.29 -12.19 -10.94
CA MET B 137 5.33 -11.44 -12.20
C MET B 137 4.60 -12.23 -13.28
N GLU B 138 4.87 -13.55 -13.30
CA GLU B 138 4.23 -14.43 -14.26
C GLU B 138 2.72 -14.41 -14.06
N PHE B 139 2.30 -14.49 -12.81
CA PHE B 139 0.90 -14.47 -12.43
C PHE B 139 0.21 -13.20 -12.96
N PHE B 140 0.86 -12.04 -12.74
CA PHE B 140 0.26 -10.78 -13.13
C PHE B 140 0.27 -10.65 -14.66
N GLU B 141 1.28 -11.19 -15.31
CA GLU B 141 1.33 -11.17 -16.76
C GLU B 141 0.14 -11.94 -17.31
N GLU B 142 -0.25 -13.04 -16.64
CA GLU B 142 -1.36 -13.88 -17.04
C GLU B 142 -2.70 -13.19 -16.83
N VAL B 143 -2.80 -12.37 -15.78
CA VAL B 143 -4.12 -11.98 -15.32
C VAL B 143 -4.44 -10.52 -15.68
N VAL B 144 -3.53 -9.60 -15.38
CA VAL B 144 -3.76 -8.17 -15.45
C VAL B 144 -4.22 -7.75 -16.86
N PRO B 145 -3.62 -8.24 -17.96
CA PRO B 145 -4.07 -7.84 -19.30
C PRO B 145 -5.56 -7.95 -19.65
N LEU B 146 -6.22 -8.96 -19.07
CA LEU B 146 -7.60 -9.27 -19.41
C LEU B 146 -8.60 -8.42 -18.62
N LEU B 147 -8.13 -7.62 -17.66
CA LEU B 147 -8.92 -6.52 -17.13
C LEU B 147 -9.00 -5.40 -18.17
N ALA B 148 -8.19 -5.50 -19.24
CA ALA B 148 -8.09 -4.43 -20.22
C ALA B 148 -9.47 -3.83 -20.54
N ARG B 149 -10.46 -4.68 -20.86
CA ARG B 149 -11.75 -4.20 -21.34
C ARG B 149 -11.57 -3.39 -22.62
N SER B 150 -10.38 -3.52 -23.25
CA SER B 150 -10.15 -3.05 -24.61
C SER B 150 -9.02 -3.84 -25.24
N GLU B 151 -9.20 -4.32 -26.48
CA GLU B 151 -8.14 -4.96 -27.22
C GLU B 151 -6.98 -3.97 -27.42
N GLU B 152 -7.33 -2.73 -27.77
CA GLU B 152 -6.37 -1.65 -27.95
C GLU B 152 -5.58 -1.47 -26.66
N GLN B 153 -6.31 -1.35 -25.56
CA GLN B 153 -5.73 -1.18 -24.24
C GLN B 153 -4.87 -2.38 -23.84
N LEU B 154 -5.31 -3.59 -24.18
CA LEU B 154 -4.68 -4.80 -23.70
C LEU B 154 -3.19 -4.84 -24.03
N THR B 155 -2.86 -4.57 -25.29
CA THR B 155 -1.47 -4.52 -25.75
C THR B 155 -0.62 -3.61 -24.85
N ALA B 156 -1.16 -2.43 -24.53
CA ALA B 156 -0.46 -1.45 -23.71
C ALA B 156 -0.15 -2.01 -22.33
N LEU B 157 -1.12 -2.72 -21.73
CA LEU B 157 -0.97 -3.31 -20.40
C LEU B 157 0.08 -4.42 -20.44
N THR B 158 0.06 -5.26 -21.48
CA THR B 158 1.04 -6.33 -21.66
C THR B 158 2.46 -5.75 -21.73
N VAL B 159 2.64 -4.70 -22.54
CA VAL B 159 3.94 -4.04 -22.64
C VAL B 159 4.32 -3.38 -21.31
N GLY B 160 3.34 -2.72 -20.67
CA GLY B 160 3.55 -2.01 -19.42
C GLY B 160 4.05 -2.93 -18.31
N ILE B 161 3.37 -4.07 -18.15
CA ILE B 161 3.67 -5.00 -17.08
C ILE B 161 5.05 -5.60 -17.33
N LEU B 162 5.35 -5.97 -18.57
CA LEU B 162 6.61 -6.61 -18.90
C LEU B 162 7.79 -5.67 -18.70
N LYS B 163 7.58 -4.39 -19.06
CA LYS B 163 8.59 -3.35 -18.90
C LYS B 163 8.83 -3.13 -17.42
N TYR B 164 7.74 -2.91 -16.69
CA TYR B 164 7.83 -2.67 -15.27
C TYR B 164 8.53 -3.87 -14.62
N SER B 165 7.95 -5.07 -14.78
CA SER B 165 8.48 -6.24 -14.11
C SER B 165 10.00 -6.31 -14.28
N ARG B 166 10.43 -6.14 -15.54
CA ARG B 166 11.86 -6.25 -15.80
C ARG B 166 12.61 -5.08 -15.19
N ASP B 167 12.12 -3.86 -15.44
CA ASP B 167 12.78 -2.66 -14.95
C ASP B 167 12.90 -2.71 -13.43
N LEU B 168 11.86 -3.25 -12.76
CA LEU B 168 11.89 -3.38 -11.32
C LEU B 168 12.92 -4.43 -10.88
N ALA B 169 12.91 -5.57 -11.55
CA ALA B 169 13.86 -6.61 -11.18
C ALA B 169 15.30 -6.11 -11.38
N PHE B 170 15.52 -5.24 -12.37
CA PHE B 170 16.81 -4.62 -12.61
C PHE B 170 17.20 -3.73 -11.44
N THR B 171 16.26 -2.86 -11.03
CA THR B 171 16.54 -1.93 -9.93
C THR B 171 16.80 -2.71 -8.65
N ALA B 172 16.08 -3.82 -8.45
CA ALA B 172 16.33 -4.69 -7.33
C ALA B 172 17.74 -5.29 -7.38
N ALA B 173 18.14 -5.76 -8.56
CA ALA B 173 19.43 -6.40 -8.70
C ALA B 173 20.55 -5.39 -8.41
N THR B 174 20.39 -4.16 -8.90
CA THR B 174 21.37 -3.11 -8.66
C THR B 174 21.46 -2.83 -7.16
N ALA B 175 20.31 -2.67 -6.49
CA ALA B 175 20.23 -2.50 -5.05
C ALA B 175 20.95 -3.61 -4.28
N TYR B 176 20.89 -4.83 -4.80
CA TYR B 176 21.56 -5.97 -4.20
C TYR B 176 23.07 -5.88 -4.42
N ALA B 177 23.49 -5.44 -5.62
CA ALA B 177 24.90 -5.26 -5.94
C ALA B 177 25.52 -4.17 -5.07
N ASP B 178 24.80 -3.06 -4.87
CA ASP B 178 25.20 -1.98 -3.98
C ASP B 178 25.47 -2.49 -2.57
N ALA B 179 24.57 -3.33 -2.03
CA ALA B 179 24.74 -3.90 -0.71
C ALA B 179 25.33 -5.32 -0.77
N ALA B 180 26.31 -5.52 -1.67
CA ALA B 180 26.98 -6.80 -1.94
C ALA B 180 27.06 -7.69 -0.70
N SER C 35 -41.47 -0.49 -6.54
CA SER C 35 -41.37 -1.76 -5.79
C SER C 35 -41.34 -1.46 -4.29
N PRO C 36 -41.73 -2.40 -3.38
CA PRO C 36 -41.46 -2.21 -1.97
C PRO C 36 -39.94 -1.98 -2.01
N LEU C 37 -39.51 -0.90 -1.33
CA LEU C 37 -38.11 -0.53 -1.14
C LEU C 37 -37.43 -0.22 -2.47
N GLU C 38 -38.14 0.49 -3.36
CA GLU C 38 -37.59 0.72 -4.69
C GLU C 38 -36.29 1.54 -4.63
N LEU C 39 -36.34 2.69 -3.95
CA LEU C 39 -35.18 3.55 -3.72
C LEU C 39 -34.97 3.70 -2.23
N LEU C 40 -35.90 3.14 -1.44
CA LEU C 40 -35.73 3.07 0.00
C LEU C 40 -34.31 2.59 0.28
N ASP C 41 -33.86 1.59 -0.48
CA ASP C 41 -32.55 0.97 -0.35
C ASP C 41 -31.44 2.01 -0.20
N THR C 42 -31.62 3.19 -0.83
CA THR C 42 -30.69 4.29 -0.64
C THR C 42 -30.69 4.67 0.84
N VAL C 43 -31.90 4.74 1.41
CA VAL C 43 -32.09 5.21 2.78
C VAL C 43 -31.16 4.47 3.73
N PRO C 44 -31.08 3.12 3.69
CA PRO C 44 -30.06 2.40 4.46
C PRO C 44 -28.70 2.76 3.86
N ASP C 45 -28.31 4.03 3.99
CA ASP C 45 -26.98 4.45 3.59
C ASP C 45 -26.00 3.53 4.31
N SER C 46 -26.31 3.23 5.58
CA SER C 46 -25.55 2.28 6.36
C SER C 46 -25.39 1.00 5.56
N LEU C 47 -26.53 0.47 5.13
CA LEU C 47 -26.54 -0.80 4.42
C LEU C 47 -25.67 -0.65 3.18
N LEU C 48 -25.92 0.38 2.35
CA LEU C 48 -25.10 0.60 1.16
C LEU C 48 -23.62 0.69 1.53
N ARG C 49 -23.34 1.48 2.56
CA ARG C 49 -22.01 1.62 3.10
C ARG C 49 -21.46 0.23 3.43
N ARG C 50 -22.26 -0.54 4.18
CA ARG C 50 -21.86 -1.86 4.67
C ARG C 50 -21.55 -2.77 3.48
N LEU C 51 -22.40 -2.69 2.45
CA LEU C 51 -22.31 -3.52 1.25
C LEU C 51 -20.96 -3.26 0.56
N LYS C 52 -20.64 -1.98 0.35
CA LYS C 52 -19.40 -1.59 -0.31
C LYS C 52 -18.22 -2.10 0.51
N GLN C 53 -18.31 -1.98 1.84
CA GLN C 53 -17.25 -2.37 2.76
C GLN C 53 -17.00 -3.87 2.62
N TYR C 54 -18.08 -4.66 2.51
CA TYR C 54 -17.97 -6.11 2.52
C TYR C 54 -17.71 -6.65 1.12
N SER C 55 -17.72 -5.78 0.09
CA SER C 55 -17.64 -6.20 -1.30
C SER C 55 -16.50 -7.18 -1.59
N GLY C 56 -15.31 -6.84 -1.09
CA GLY C 56 -14.12 -7.66 -1.30
C GLY C 56 -14.28 -9.06 -0.70
N ARG C 57 -14.83 -9.07 0.53
CA ARG C 57 -15.04 -10.29 1.28
C ARG C 57 -15.99 -11.18 0.50
N LEU C 58 -17.10 -10.60 0.06
CA LEU C 58 -18.15 -11.30 -0.67
C LEU C 58 -17.58 -12.01 -1.87
N ALA C 59 -16.73 -11.32 -2.66
CA ALA C 59 -16.18 -11.93 -3.87
C ALA C 59 -15.29 -13.12 -3.52
N THR C 60 -14.50 -12.92 -2.46
CA THR C 60 -13.57 -13.95 -1.98
C THR C 60 -14.36 -15.14 -1.45
N GLU C 61 -15.40 -14.83 -0.65
CA GLU C 61 -16.29 -15.77 0.01
C GLU C 61 -17.01 -16.60 -1.06
N ALA C 62 -17.49 -15.93 -2.12
CA ALA C 62 -18.16 -16.57 -3.24
C ALA C 62 -17.28 -17.63 -3.88
N VAL C 63 -16.02 -17.27 -4.11
CA VAL C 63 -15.08 -18.17 -4.76
C VAL C 63 -14.80 -19.36 -3.85
N SER C 64 -14.69 -19.10 -2.54
CA SER C 64 -14.52 -20.16 -1.57
C SER C 64 -15.69 -21.14 -1.62
N ALA C 65 -16.91 -20.60 -1.64
CA ALA C 65 -18.13 -21.38 -1.69
C ALA C 65 -18.18 -22.19 -2.99
N MET C 66 -17.69 -21.62 -4.11
CA MET C 66 -17.62 -22.35 -5.35
C MET C 66 -16.65 -23.54 -5.25
N GLN C 67 -15.49 -23.31 -4.60
CA GLN C 67 -14.49 -24.36 -4.44
C GLN C 67 -15.05 -25.54 -3.67
N GLU C 68 -15.91 -25.24 -2.68
CA GLU C 68 -16.50 -26.22 -1.78
C GLU C 68 -17.64 -26.97 -2.46
N ARG C 69 -18.47 -26.24 -3.22
CA ARG C 69 -19.72 -26.77 -3.74
C ARG C 69 -19.56 -27.37 -5.14
N LEU C 70 -18.55 -26.90 -5.90
CA LEU C 70 -18.39 -27.32 -7.29
C LEU C 70 -17.07 -28.07 -7.46
N PRO C 71 -17.09 -29.42 -7.53
CA PRO C 71 -15.84 -30.19 -7.48
C PRO C 71 -14.90 -29.84 -8.62
N PHE C 72 -15.47 -29.75 -9.83
CA PHE C 72 -14.78 -29.53 -11.08
C PHE C 72 -14.05 -28.18 -11.04
N PHE C 73 -14.67 -27.23 -10.32
CA PHE C 73 -14.07 -25.90 -10.19
C PHE C 73 -12.87 -25.96 -9.26
N ALA C 74 -12.96 -26.79 -8.21
CA ALA C 74 -11.88 -26.93 -7.26
C ALA C 74 -10.69 -27.58 -7.96
N ASP C 75 -9.54 -26.90 -7.87
CA ASP C 75 -8.31 -27.34 -8.55
C ASP C 75 -8.48 -27.24 -10.08
N LEU C 76 -9.25 -26.24 -10.52
CA LEU C 76 -9.50 -26.05 -11.94
C LEU C 76 -8.30 -25.43 -12.64
N GLU C 77 -7.79 -24.29 -12.13
CA GLU C 77 -6.62 -23.66 -12.70
C GLU C 77 -5.62 -23.26 -11.62
N ALA C 78 -6.13 -22.66 -10.52
CA ALA C 78 -5.29 -22.09 -9.49
C ALA C 78 -4.76 -20.71 -9.89
N SER C 79 -4.91 -20.32 -11.17
CA SER C 79 -4.56 -18.98 -11.63
C SER C 79 -5.77 -18.36 -12.31
N GLN C 80 -6.29 -19.04 -13.35
CA GLN C 80 -7.56 -18.66 -13.94
C GLN C 80 -8.58 -18.58 -12.80
N ARG C 81 -8.24 -19.19 -11.64
CA ARG C 81 -9.00 -19.03 -10.41
C ARG C 81 -9.22 -17.54 -10.12
N ALA C 82 -8.15 -16.75 -10.25
CA ALA C 82 -8.24 -15.30 -10.24
C ALA C 82 -9.07 -14.82 -11.42
N SER C 83 -8.87 -15.40 -12.60
CA SER C 83 -9.37 -14.84 -13.85
C SER C 83 -10.87 -14.52 -13.77
N VAL C 84 -11.61 -15.26 -12.95
CA VAL C 84 -13.04 -15.02 -12.77
C VAL C 84 -13.29 -14.38 -11.41
N ALA C 85 -12.39 -14.60 -10.44
CA ALA C 85 -12.59 -14.01 -9.12
C ALA C 85 -12.71 -12.49 -9.24
N LEU C 86 -11.87 -11.89 -10.10
CA LEU C 86 -11.98 -10.48 -10.42
C LEU C 86 -13.34 -10.19 -11.05
N VAL C 87 -13.80 -11.10 -11.93
CA VAL C 87 -15.13 -10.96 -12.50
C VAL C 87 -16.20 -10.95 -11.41
N VAL C 88 -16.09 -11.87 -10.44
CA VAL C 88 -16.99 -11.94 -9.30
C VAL C 88 -16.94 -10.61 -8.55
N GLN C 89 -15.71 -10.12 -8.28
CA GLN C 89 -15.50 -8.88 -7.57
C GLN C 89 -16.18 -7.72 -8.30
N THR C 90 -15.98 -7.67 -9.64
CA THR C 90 -16.58 -6.62 -10.45
C THR C 90 -18.10 -6.69 -10.32
N ALA C 91 -18.64 -7.91 -10.39
CA ALA C 91 -20.07 -8.15 -10.30
C ALA C 91 -20.64 -7.56 -9.02
N VAL C 92 -19.91 -7.78 -7.91
CA VAL C 92 -20.32 -7.33 -6.58
C VAL C 92 -20.45 -5.79 -6.58
N VAL C 93 -19.42 -5.16 -7.18
CA VAL C 93 -19.32 -3.72 -7.22
C VAL C 93 -20.44 -3.15 -8.08
N ASN C 94 -20.70 -3.81 -9.22
CA ASN C 94 -21.72 -3.39 -10.17
C ASN C 94 -23.08 -3.48 -9.51
N PHE C 95 -23.29 -4.57 -8.74
CA PHE C 95 -24.53 -4.76 -8.01
C PHE C 95 -24.73 -3.59 -7.07
N VAL C 96 -23.67 -3.22 -6.34
CA VAL C 96 -23.77 -2.18 -5.35
C VAL C 96 -24.05 -0.83 -5.99
N GLU C 97 -23.44 -0.58 -7.16
CA GLU C 97 -23.73 0.66 -7.88
C GLU C 97 -25.19 0.66 -8.34
N TRP C 98 -25.63 -0.47 -8.89
CA TRP C 98 -26.99 -0.61 -9.38
C TRP C 98 -27.96 -0.45 -8.21
N MET C 99 -27.60 -1.00 -7.04
CA MET C 99 -28.45 -0.87 -5.87
C MET C 99 -28.56 0.60 -5.45
N HIS C 100 -27.54 1.43 -5.76
CA HIS C 100 -27.55 2.87 -5.52
C HIS C 100 -28.59 3.55 -6.42
N ASP C 101 -28.68 3.12 -7.69
CA ASP C 101 -29.71 3.57 -8.61
C ASP C 101 -30.32 2.39 -9.37
N PRO C 102 -31.35 1.71 -8.83
CA PRO C 102 -31.87 0.50 -9.48
C PRO C 102 -32.72 0.78 -10.72
N HIS C 103 -32.94 2.09 -10.98
CA HIS C 103 -33.67 2.56 -12.14
C HIS C 103 -32.69 2.75 -13.30
N SER C 104 -31.38 2.80 -12.99
CA SER C 104 -30.29 3.00 -13.93
C SER C 104 -30.37 1.98 -15.07
N ASP C 105 -30.41 2.50 -16.31
CA ASP C 105 -30.66 1.73 -17.52
C ASP C 105 -29.47 0.85 -17.88
N VAL C 106 -29.77 -0.37 -18.35
CA VAL C 106 -28.76 -1.30 -18.84
C VAL C 106 -27.69 -1.48 -17.74
N GLY C 107 -28.15 -1.61 -16.49
CA GLY C 107 -27.29 -1.58 -15.32
C GLY C 107 -26.14 -2.60 -15.41
N TYR C 108 -26.44 -3.75 -16.02
CA TYR C 108 -25.45 -4.79 -16.28
C TYR C 108 -24.45 -4.28 -17.30
N THR C 109 -23.15 -4.40 -16.97
CA THR C 109 -22.07 -4.20 -17.93
C THR C 109 -21.91 -5.43 -18.81
N ALA C 110 -22.25 -6.61 -18.28
CA ALA C 110 -22.20 -7.88 -19.00
C ALA C 110 -20.75 -8.19 -19.38
N GLN C 111 -19.85 -7.98 -18.43
CA GLN C 111 -18.41 -8.15 -18.61
C GLN C 111 -18.09 -9.57 -19.07
N ALA C 112 -17.44 -9.66 -20.24
CA ALA C 112 -16.92 -10.92 -20.77
C ALA C 112 -15.78 -10.59 -21.71
N PHE C 113 -14.65 -10.17 -21.14
CA PHE C 113 -13.53 -9.70 -21.93
C PHE C 113 -12.52 -10.83 -22.12
N GLU C 114 -12.39 -11.30 -23.37
CA GLU C 114 -11.43 -12.33 -23.78
C GLU C 114 -11.71 -13.70 -23.16
N LEU C 115 -13.00 -14.00 -22.88
CA LEU C 115 -13.38 -15.27 -22.28
C LEU C 115 -13.79 -16.32 -23.32
N VAL C 116 -14.37 -15.88 -24.46
CA VAL C 116 -14.94 -16.82 -25.42
C VAL C 116 -13.80 -17.61 -26.07
N PRO C 117 -13.85 -18.95 -25.94
CA PRO C 117 -12.79 -19.84 -26.40
C PRO C 117 -11.41 -19.27 -26.04
N GLN C 118 -11.23 -18.87 -24.78
CA GLN C 118 -9.97 -18.32 -24.31
C GLN C 118 -9.80 -18.56 -22.80
N ASP C 119 -10.40 -19.64 -22.29
CA ASP C 119 -10.28 -20.00 -20.88
C ASP C 119 -8.84 -20.38 -20.59
N LEU C 120 -8.31 -19.90 -19.46
CA LEU C 120 -6.96 -20.25 -19.04
C LEU C 120 -6.97 -21.59 -18.30
N THR C 121 -8.12 -21.98 -17.71
CA THR C 121 -8.18 -23.19 -16.90
C THR C 121 -8.20 -24.43 -17.79
N ARG C 122 -7.91 -25.59 -17.19
CA ARG C 122 -7.95 -26.88 -17.87
C ARG C 122 -9.33 -27.52 -17.73
N ARG C 123 -9.52 -28.69 -18.36
CA ARG C 123 -10.75 -29.48 -18.33
C ARG C 123 -11.80 -28.83 -19.22
N ILE C 124 -12.94 -29.51 -19.42
CA ILE C 124 -14.02 -28.93 -20.22
C ILE C 124 -14.99 -28.19 -19.31
N ALA C 125 -15.29 -26.94 -19.65
CA ALA C 125 -15.94 -26.01 -18.74
C ALA C 125 -16.82 -25.00 -19.49
N LEU C 126 -17.00 -25.23 -20.80
CA LEU C 126 -17.78 -24.34 -21.66
C LEU C 126 -19.06 -23.89 -20.95
N ARG C 127 -19.78 -24.86 -20.37
CA ARG C 127 -20.98 -24.62 -19.61
C ARG C 127 -20.70 -24.54 -18.10
N GLN C 128 -19.57 -25.10 -17.62
CA GLN C 128 -19.21 -24.84 -16.23
C GLN C 128 -19.37 -23.34 -15.92
N THR C 129 -19.14 -22.49 -16.93
CA THR C 129 -19.38 -21.06 -16.83
C THR C 129 -20.73 -20.82 -16.15
N VAL C 130 -21.75 -21.52 -16.65
CA VAL C 130 -23.09 -21.38 -16.14
C VAL C 130 -23.13 -21.93 -14.71
N ASP C 131 -22.49 -23.07 -14.45
CA ASP C 131 -22.43 -23.65 -13.12
C ASP C 131 -21.88 -22.63 -12.12
N MET C 132 -20.80 -21.96 -12.54
CA MET C 132 -20.18 -20.95 -11.71
C MET C 132 -21.14 -19.78 -11.47
N VAL C 133 -21.81 -19.30 -12.53
CA VAL C 133 -22.75 -18.21 -12.39
C VAL C 133 -23.86 -18.60 -11.42
N ARG C 134 -24.40 -19.80 -11.58
CA ARG C 134 -25.40 -20.32 -10.68
C ARG C 134 -24.90 -20.21 -9.24
N VAL C 135 -23.81 -20.93 -8.95
CA VAL C 135 -23.31 -21.03 -7.60
C VAL C 135 -23.08 -19.63 -7.01
N THR C 136 -22.55 -18.71 -7.83
CA THR C 136 -22.29 -17.33 -7.41
C THR C 136 -23.58 -16.64 -6.98
N MET C 137 -24.63 -16.75 -7.82
CA MET C 137 -25.86 -16.01 -7.56
C MET C 137 -26.54 -16.61 -6.34
N GLU C 138 -26.55 -17.94 -6.24
CA GLU C 138 -27.13 -18.66 -5.12
C GLU C 138 -26.43 -18.23 -3.83
N PHE C 139 -25.09 -18.17 -3.89
CA PHE C 139 -24.29 -17.77 -2.76
C PHE C 139 -24.68 -16.37 -2.30
N PHE C 140 -24.81 -15.42 -3.24
CA PHE C 140 -25.14 -14.05 -2.88
C PHE C 140 -26.57 -13.96 -2.35
N GLU C 141 -27.48 -14.77 -2.89
CA GLU C 141 -28.84 -14.81 -2.38
C GLU C 141 -28.82 -15.21 -0.91
N GLU C 142 -27.94 -16.15 -0.54
CA GLU C 142 -27.82 -16.66 0.82
C GLU C 142 -27.21 -15.63 1.76
N VAL C 143 -26.28 -14.82 1.26
CA VAL C 143 -25.42 -14.09 2.18
C VAL C 143 -25.76 -12.61 2.22
N VAL C 144 -25.92 -11.97 1.06
CA VAL C 144 -26.10 -10.52 0.96
C VAL C 144 -27.24 -10.02 1.86
N PRO C 145 -28.42 -10.67 1.92
CA PRO C 145 -29.44 -10.32 2.92
C PRO C 145 -29.00 -10.26 4.39
N LEU C 146 -27.98 -11.08 4.74
CA LEU C 146 -27.40 -11.19 6.06
C LEU C 146 -26.75 -9.89 6.54
N LEU C 147 -26.58 -8.92 5.64
CA LEU C 147 -25.89 -7.68 5.95
C LEU C 147 -26.91 -6.69 6.50
N ALA C 148 -28.20 -6.88 6.16
CA ALA C 148 -29.27 -6.07 6.72
C ALA C 148 -29.55 -6.43 8.16
N ARG C 149 -29.79 -5.41 9.00
CA ARG C 149 -30.27 -5.64 10.35
C ARG C 149 -31.74 -5.24 10.46
N SER C 150 -32.22 -4.44 9.49
CA SER C 150 -33.60 -3.99 9.45
C SER C 150 -34.40 -4.94 8.57
N GLU C 151 -35.69 -5.16 8.89
CA GLU C 151 -36.52 -6.02 8.06
C GLU C 151 -36.70 -5.37 6.68
N GLU C 152 -36.84 -4.04 6.64
CA GLU C 152 -36.93 -3.28 5.39
C GLU C 152 -35.71 -3.58 4.54
N GLN C 153 -34.53 -3.45 5.16
CA GLN C 153 -33.26 -3.68 4.51
C GLN C 153 -33.14 -5.14 4.09
N LEU C 154 -33.63 -6.07 4.91
CA LEU C 154 -33.54 -7.49 4.57
C LEU C 154 -34.32 -7.73 3.28
N THR C 155 -35.57 -7.26 3.24
CA THR C 155 -36.42 -7.47 2.09
C THR C 155 -35.77 -6.81 0.87
N ALA C 156 -35.28 -5.57 1.03
CA ALA C 156 -34.65 -4.82 -0.05
C ALA C 156 -33.47 -5.57 -0.63
N LEU C 157 -32.64 -6.17 0.25
CA LEU C 157 -31.46 -6.91 -0.16
C LEU C 157 -31.85 -8.16 -0.92
N THR C 158 -32.85 -8.90 -0.40
CA THR C 158 -33.30 -10.13 -1.06
C THR C 158 -33.85 -9.81 -2.45
N VAL C 159 -34.67 -8.77 -2.54
CA VAL C 159 -35.22 -8.33 -3.82
C VAL C 159 -34.12 -7.80 -4.72
N GLY C 160 -33.17 -7.03 -4.17
CA GLY C 160 -32.11 -6.42 -4.94
C GLY C 160 -31.24 -7.47 -5.62
N ILE C 161 -30.81 -8.46 -4.81
CA ILE C 161 -29.92 -9.48 -5.30
C ILE C 161 -30.66 -10.33 -6.33
N LEU C 162 -31.92 -10.68 -6.04
CA LEU C 162 -32.72 -11.53 -6.89
C LEU C 162 -33.06 -10.82 -8.20
N LYS C 163 -33.31 -9.51 -8.15
CA LYS C 163 -33.58 -8.76 -9.37
C LYS C 163 -32.31 -8.69 -10.22
N TYR C 164 -31.20 -8.31 -9.58
CA TYR C 164 -29.94 -8.23 -10.28
C TYR C 164 -29.58 -9.58 -10.89
N SER C 165 -29.55 -10.62 -10.05
CA SER C 165 -29.20 -11.96 -10.45
C SER C 165 -30.02 -12.38 -11.66
N ARG C 166 -31.32 -12.11 -11.67
CA ARG C 166 -32.16 -12.43 -12.81
C ARG C 166 -31.73 -11.61 -14.03
N ASP C 167 -31.59 -10.28 -13.88
CA ASP C 167 -31.23 -9.44 -15.01
C ASP C 167 -29.90 -9.88 -15.58
N LEU C 168 -28.98 -10.30 -14.70
CA LEU C 168 -27.66 -10.78 -15.10
C LEU C 168 -27.79 -12.10 -15.85
N ALA C 169 -28.58 -13.02 -15.31
CA ALA C 169 -28.77 -14.31 -15.95
C ALA C 169 -29.39 -14.11 -17.33
N PHE C 170 -30.23 -13.08 -17.48
CA PHE C 170 -30.83 -12.72 -18.78
C PHE C 170 -29.72 -12.31 -19.74
N THR C 171 -28.85 -11.39 -19.31
CA THR C 171 -27.80 -10.87 -20.17
C THR C 171 -26.83 -12.00 -20.54
N ALA C 172 -26.57 -12.91 -19.60
CA ALA C 172 -25.76 -14.10 -19.88
C ALA C 172 -26.41 -14.99 -20.95
N ALA C 173 -27.71 -15.23 -20.79
CA ALA C 173 -28.41 -16.11 -21.70
C ALA C 173 -28.43 -15.51 -23.11
N THR C 174 -28.61 -14.18 -23.20
CA THR C 174 -28.59 -13.51 -24.49
C THR C 174 -27.21 -13.67 -25.14
N ALA C 175 -26.15 -13.43 -24.37
CA ALA C 175 -24.77 -13.63 -24.82
C ALA C 175 -24.55 -15.05 -25.36
N TYR C 176 -25.19 -16.03 -24.72
CA TYR C 176 -25.08 -17.42 -25.15
C TYR C 176 -25.85 -17.63 -26.45
N ALA C 177 -27.03 -17.01 -26.59
CA ALA C 177 -27.85 -17.10 -27.79
C ALA C 177 -27.12 -16.49 -28.98
N ASP C 178 -26.48 -15.33 -28.78
CA ASP C 178 -25.67 -14.65 -29.78
C ASP C 178 -24.59 -15.59 -30.33
N ALA C 179 -23.90 -16.33 -29.46
CA ALA C 179 -23.08 -17.45 -29.91
C ALA C 179 -23.95 -18.70 -30.14
N ALA C 180 -24.69 -18.72 -31.27
CA ALA C 180 -25.65 -19.76 -31.64
C ALA C 180 -25.30 -21.13 -31.03
N SER D 35 38.42 20.90 -11.27
CA SER D 35 38.32 21.03 -9.80
C SER D 35 37.30 20.04 -9.25
N PRO D 36 37.48 19.50 -8.02
CA PRO D 36 36.44 18.65 -7.43
C PRO D 36 35.04 19.23 -7.36
N LEU D 37 34.91 20.56 -7.46
CA LEU D 37 33.63 21.24 -7.52
C LEU D 37 32.99 21.07 -8.90
N GLU D 38 33.80 21.17 -9.95
CA GLU D 38 33.34 20.90 -11.31
C GLU D 38 32.85 19.46 -11.42
N LEU D 39 33.38 18.56 -10.59
CA LEU D 39 32.97 17.17 -10.54
C LEU D 39 31.52 17.05 -10.06
N LEU D 40 31.10 17.92 -9.13
CA LEU D 40 29.75 17.96 -8.62
C LEU D 40 28.77 18.32 -9.74
N ASP D 41 29.18 19.25 -10.61
CA ASP D 41 28.43 19.56 -11.82
C ASP D 41 28.44 18.36 -12.77
N THR D 42 29.56 17.61 -12.81
CA THR D 42 29.68 16.46 -13.69
C THR D 42 28.94 15.24 -13.13
N VAL D 43 28.53 15.30 -11.86
CA VAL D 43 27.75 14.23 -11.24
C VAL D 43 26.56 13.91 -12.14
N PRO D 44 26.43 12.63 -12.58
CA PRO D 44 25.32 12.27 -13.46
C PRO D 44 23.99 12.36 -12.72
N ASP D 45 22.99 12.94 -13.39
CA ASP D 45 21.63 12.98 -12.86
C ASP D 45 21.19 11.57 -12.43
N SER D 46 21.72 10.56 -13.13
CA SER D 46 21.40 9.18 -12.87
C SER D 46 21.80 8.81 -11.45
N LEU D 47 22.93 9.35 -10.96
CA LEU D 47 23.42 9.09 -9.63
C LEU D 47 22.52 9.78 -8.59
N LEU D 48 22.17 11.03 -8.86
CA LEU D 48 21.28 11.81 -8.00
C LEU D 48 19.94 11.09 -7.86
N ARG D 49 19.38 10.68 -9.01
CA ARG D 49 18.13 9.95 -9.02
C ARG D 49 18.28 8.71 -8.14
N ARG D 50 19.39 7.98 -8.31
CA ARG D 50 19.67 6.75 -7.58
C ARG D 50 19.67 7.04 -6.08
N LEU D 51 20.32 8.15 -5.71
CA LEU D 51 20.45 8.54 -4.31
C LEU D 51 19.08 8.75 -3.67
N LYS D 52 18.23 9.54 -4.37
CA LYS D 52 16.88 9.82 -3.90
C LYS D 52 16.11 8.51 -3.76
N GLN D 53 16.27 7.59 -4.72
CA GLN D 53 15.57 6.31 -4.69
C GLN D 53 15.96 5.58 -3.41
N TYR D 54 17.27 5.50 -3.14
CA TYR D 54 17.80 4.66 -2.08
C TYR D 54 17.66 5.34 -0.71
N SER D 55 17.16 6.59 -0.69
CA SER D 55 17.07 7.39 0.51
C SER D 55 16.46 6.64 1.70
N GLY D 56 15.34 5.95 1.48
CA GLY D 56 14.67 5.23 2.55
C GLY D 56 15.52 4.11 3.15
N ARG D 57 16.27 3.41 2.27
CA ARG D 57 17.14 2.32 2.69
C ARG D 57 18.21 2.90 3.60
N LEU D 58 18.85 3.98 3.08
CA LEU D 58 19.94 4.67 3.74
C LEU D 58 19.50 5.06 5.15
N ALA D 59 18.30 5.66 5.24
CA ALA D 59 17.76 6.17 6.49
C ALA D 59 17.58 5.04 7.50
N THR D 60 17.11 3.88 7.02
CA THR D 60 16.87 2.73 7.88
C THR D 60 18.20 2.23 8.43
N GLU D 61 19.20 2.11 7.53
CA GLU D 61 20.53 1.62 7.85
C GLU D 61 21.23 2.58 8.82
N ALA D 62 21.05 3.88 8.59
CA ALA D 62 21.59 4.93 9.45
C ALA D 62 21.05 4.78 10.87
N VAL D 63 19.74 4.52 10.99
CA VAL D 63 19.11 4.39 12.29
C VAL D 63 19.62 3.13 13.00
N SER D 64 19.85 2.06 12.23
CA SER D 64 20.43 0.86 12.80
C SER D 64 21.82 1.16 13.37
N ALA D 65 22.63 1.90 12.60
CA ALA D 65 23.97 2.29 13.01
C ALA D 65 23.90 3.16 14.28
N MET D 66 22.89 4.04 14.35
CA MET D 66 22.69 4.88 15.52
C MET D 66 22.33 4.03 16.74
N GLN D 67 21.52 2.98 16.57
CA GLN D 67 21.13 2.09 17.66
C GLN D 67 22.37 1.48 18.30
N GLU D 68 23.36 1.12 17.47
CA GLU D 68 24.57 0.47 17.94
C GLU D 68 25.56 1.48 18.56
N ARG D 69 25.68 2.65 17.94
CA ARG D 69 26.75 3.61 18.21
C ARG D 69 26.34 4.66 19.25
N LEU D 70 25.04 4.90 19.42
CA LEU D 70 24.51 5.89 20.34
C LEU D 70 23.79 5.21 21.50
N PRO D 71 24.36 5.31 22.72
CA PRO D 71 23.80 4.68 23.91
C PRO D 71 22.31 4.93 24.13
N PHE D 72 21.90 6.19 24.02
CA PHE D 72 20.53 6.61 24.32
C PHE D 72 19.55 6.06 23.30
N PHE D 73 20.05 5.67 22.13
CA PHE D 73 19.22 5.58 20.95
C PHE D 73 18.32 4.35 21.00
N ALA D 74 18.85 3.24 21.52
CA ALA D 74 18.03 2.04 21.64
C ALA D 74 16.95 2.24 22.71
N ASP D 75 17.24 3.13 23.67
CA ASP D 75 16.36 3.43 24.79
C ASP D 75 15.22 4.37 24.37
N LEU D 76 15.30 4.98 23.18
CA LEU D 76 14.33 5.96 22.74
C LEU D 76 12.96 5.34 22.47
N GLU D 77 11.91 6.17 22.62
CA GLU D 77 10.53 5.81 22.32
C GLU D 77 10.39 5.49 20.83
N ALA D 78 9.45 4.59 20.51
CA ALA D 78 9.24 4.10 19.16
C ALA D 78 8.88 5.24 18.21
N SER D 79 8.10 6.18 18.74
CA SER D 79 7.66 7.36 18.00
C SER D 79 8.86 8.21 17.62
N GLN D 80 9.77 8.42 18.56
CA GLN D 80 10.95 9.24 18.35
C GLN D 80 11.86 8.57 17.33
N ARG D 81 12.10 7.27 17.48
CA ARG D 81 12.97 6.49 16.59
C ARG D 81 12.48 6.65 15.16
N ALA D 82 11.15 6.56 15.01
CA ALA D 82 10.50 6.70 13.71
C ALA D 82 10.71 8.09 13.14
N SER D 83 10.60 9.11 14.01
CA SER D 83 10.75 10.50 13.61
C SER D 83 12.16 10.75 13.09
N VAL D 84 13.17 10.18 13.78
CA VAL D 84 14.55 10.32 13.38
C VAL D 84 14.71 9.78 11.97
N ALA D 85 14.12 8.60 11.77
CA ALA D 85 14.27 7.90 10.52
C ALA D 85 13.73 8.75 9.37
N LEU D 86 12.59 9.41 9.62
CA LEU D 86 11.94 10.25 8.61
C LEU D 86 12.90 11.37 8.21
N VAL D 87 13.45 12.00 9.25
CA VAL D 87 14.38 13.10 9.06
C VAL D 87 15.57 12.67 8.21
N VAL D 88 16.16 11.50 8.52
CA VAL D 88 17.39 11.07 7.87
C VAL D 88 17.14 10.99 6.36
N GLN D 89 16.00 10.40 6.01
CA GLN D 89 15.57 10.24 4.63
C GLN D 89 15.48 11.61 3.96
N THR D 90 14.87 12.58 4.65
CA THR D 90 14.73 13.92 4.09
C THR D 90 16.11 14.55 3.91
N ALA D 91 17.03 14.31 4.85
CA ALA D 91 18.43 14.72 4.79
C ALA D 91 19.08 14.27 3.47
N VAL D 92 18.84 13.00 3.11
CA VAL D 92 19.38 12.40 1.90
C VAL D 92 18.87 13.16 0.66
N VAL D 93 17.56 13.48 0.69
CA VAL D 93 16.90 14.18 -0.39
C VAL D 93 17.48 15.59 -0.51
N ASN D 94 17.69 16.26 0.63
CA ASN D 94 18.22 17.61 0.68
C ASN D 94 19.64 17.63 0.14
N PHE D 95 20.41 16.59 0.48
CA PHE D 95 21.75 16.42 -0.04
C PHE D 95 21.71 16.37 -1.57
N VAL D 96 20.79 15.56 -2.10
CA VAL D 96 20.65 15.39 -3.53
C VAL D 96 20.24 16.69 -4.21
N GLU D 97 19.37 17.48 -3.58
CA GLU D 97 18.99 18.76 -4.13
C GLU D 97 20.19 19.70 -4.14
N TRP D 98 20.96 19.69 -3.04
CA TRP D 98 22.16 20.50 -2.92
C TRP D 98 23.15 20.13 -4.02
N MET D 99 23.26 18.84 -4.31
CA MET D 99 24.17 18.40 -5.36
C MET D 99 23.78 18.96 -6.72
N HIS D 100 22.47 19.20 -6.94
CA HIS D 100 21.96 19.75 -8.19
C HIS D 100 22.36 21.22 -8.33
N ASP D 101 22.30 21.97 -7.22
CA ASP D 101 22.75 23.36 -7.21
C ASP D 101 23.29 23.68 -5.83
N PRO D 102 24.61 23.91 -5.67
CA PRO D 102 25.19 24.01 -4.33
C PRO D 102 24.88 25.34 -3.64
N HIS D 103 24.20 26.23 -4.35
CA HIS D 103 23.73 27.49 -3.79
C HIS D 103 22.27 27.32 -3.39
N SER D 104 21.74 28.22 -2.57
CA SER D 104 20.31 28.34 -2.28
C SER D 104 19.71 26.98 -1.85
N ASP D 105 20.30 26.43 -0.79
CA ASP D 105 19.86 25.18 -0.18
C ASP D 105 19.68 25.40 1.32
N VAL D 106 18.88 26.42 1.63
CA VAL D 106 18.64 26.85 2.99
C VAL D 106 17.96 25.73 3.76
N GLY D 107 17.61 24.62 3.11
CA GLY D 107 17.00 23.46 3.75
C GLY D 107 17.78 22.95 4.96
N TYR D 108 19.07 23.29 5.07
CA TYR D 108 19.84 23.04 6.29
C TYR D 108 19.12 23.60 7.52
N THR D 109 18.27 24.62 7.35
CA THR D 109 17.47 25.20 8.41
C THR D 109 16.39 24.21 8.85
N ALA D 110 15.67 23.65 7.86
CA ALA D 110 14.67 22.62 8.09
C ALA D 110 15.34 21.38 8.66
N GLN D 111 16.52 21.04 8.12
CA GLN D 111 17.41 19.99 8.59
C GLN D 111 17.54 19.96 10.11
N ALA D 112 17.77 21.12 10.76
CA ALA D 112 17.72 21.13 12.21
C ALA D 112 16.34 20.59 12.60
N PHE D 113 16.26 19.39 13.20
CA PHE D 113 14.98 18.72 13.40
C PHE D 113 14.51 18.67 14.85
N GLU D 114 13.27 18.16 15.06
CA GLU D 114 12.68 18.09 16.39
C GLU D 114 11.67 16.95 16.48
N LEU D 115 11.74 16.12 17.56
CA LEU D 115 10.94 14.91 17.61
C LEU D 115 10.51 14.52 19.02
N VAL D 116 11.07 15.19 20.05
CA VAL D 116 10.86 14.83 21.45
C VAL D 116 9.38 14.91 21.77
N PRO D 117 8.72 13.79 22.19
CA PRO D 117 7.32 13.86 22.63
C PRO D 117 7.35 14.86 23.78
N GLN D 118 8.35 14.69 24.64
CA GLN D 118 8.65 15.59 25.74
C GLN D 118 9.88 15.04 26.45
N ASP D 119 10.84 15.91 26.79
CA ASP D 119 12.03 15.47 27.53
C ASP D 119 11.60 14.70 28.77
N LEU D 120 10.63 15.26 29.51
CA LEU D 120 10.02 14.55 30.62
C LEU D 120 9.60 13.20 30.04
N THR D 121 10.00 12.11 30.68
CA THR D 121 9.75 10.76 30.18
C THR D 121 10.68 10.46 29.00
N ARG D 122 10.63 11.30 27.95
CA ARG D 122 11.34 11.01 26.71
C ARG D 122 12.40 12.07 26.43
N ARG D 123 13.36 12.21 27.36
CA ARG D 123 14.38 13.25 27.29
C ARG D 123 15.19 13.14 26.00
N ILE D 124 15.24 14.22 25.22
CA ILE D 124 16.24 14.31 24.15
C ILE D 124 16.97 15.64 24.31
N ALA D 125 18.31 15.54 24.45
CA ALA D 125 19.13 16.70 24.72
C ALA D 125 19.64 17.24 23.39
N LEU D 126 19.88 18.55 23.29
CA LEU D 126 20.54 19.11 22.12
C LEU D 126 21.82 18.35 21.79
N ARG D 127 22.57 17.91 22.81
CA ARG D 127 23.74 17.09 22.57
C ARG D 127 23.37 15.87 21.73
N GLN D 128 22.31 15.20 22.14
CA GLN D 128 21.89 13.94 21.53
C GLN D 128 21.54 14.16 20.06
N THR D 129 20.92 15.32 19.77
CA THR D 129 20.56 15.66 18.41
C THR D 129 21.81 15.77 17.56
N VAL D 130 22.87 16.38 18.09
CA VAL D 130 24.13 16.51 17.39
C VAL D 130 24.71 15.10 17.13
N ASP D 131 24.71 14.27 18.17
CA ASP D 131 25.25 12.92 18.09
C ASP D 131 24.55 12.15 16.97
N MET D 132 23.23 12.32 16.89
CA MET D 132 22.46 11.72 15.81
C MET D 132 22.89 12.28 14.44
N VAL D 133 23.04 13.61 14.35
CA VAL D 133 23.46 14.26 13.12
C VAL D 133 24.82 13.73 12.71
N ARG D 134 25.74 13.65 13.66
CA ARG D 134 27.06 13.11 13.38
C ARG D 134 26.88 11.71 12.80
N VAL D 135 26.33 10.80 13.59
CA VAL D 135 26.28 9.41 13.16
C VAL D 135 25.73 9.34 11.73
N THR D 136 24.69 10.14 11.46
CA THR D 136 24.04 10.19 10.15
C THR D 136 25.02 10.60 9.05
N MET D 137 25.74 11.70 9.27
CA MET D 137 26.61 12.25 8.23
C MET D 137 27.79 11.32 8.01
N GLU D 138 28.33 10.78 9.11
CA GLU D 138 29.44 9.84 9.09
C GLU D 138 29.03 8.61 8.27
N PHE D 139 27.82 8.10 8.56
CA PHE D 139 27.31 6.93 7.89
C PHE D 139 27.18 7.17 6.41
N PHE D 140 26.63 8.33 6.03
CA PHE D 140 26.50 8.69 4.61
C PHE D 140 27.87 8.90 3.98
N GLU D 141 28.82 9.41 4.77
CA GLU D 141 30.20 9.58 4.38
C GLU D 141 30.78 8.25 3.91
N GLU D 142 30.46 7.19 4.66
CA GLU D 142 30.94 5.84 4.42
C GLU D 142 30.25 5.21 3.22
N VAL D 143 28.99 5.53 2.97
CA VAL D 143 28.20 4.68 2.10
C VAL D 143 27.93 5.32 0.73
N VAL D 144 27.48 6.58 0.75
CA VAL D 144 26.98 7.28 -0.43
C VAL D 144 28.02 7.29 -1.56
N PRO D 145 29.32 7.54 -1.33
CA PRO D 145 30.33 7.37 -2.38
C PRO D 145 30.33 6.05 -3.16
N LEU D 146 29.91 4.96 -2.50
CA LEU D 146 29.90 3.62 -3.06
C LEU D 146 28.91 3.48 -4.22
N LEU D 147 27.97 4.42 -4.33
CA LEU D 147 27.01 4.43 -5.42
C LEU D 147 27.66 4.98 -6.68
N ALA D 148 28.98 5.16 -6.64
CA ALA D 148 29.72 5.73 -7.77
C ALA D 148 29.92 4.68 -8.86
N ARG D 149 29.82 5.13 -10.12
CA ARG D 149 30.04 4.26 -11.26
C ARG D 149 31.36 4.60 -11.97
N SER D 150 32.04 5.65 -11.50
CA SER D 150 33.34 6.08 -11.99
C SER D 150 34.13 6.73 -10.86
N GLU D 151 35.45 6.76 -11.03
CA GLU D 151 36.34 7.42 -10.09
C GLU D 151 35.98 8.91 -9.96
N GLU D 152 35.63 9.56 -11.08
CA GLU D 152 35.23 10.96 -11.06
C GLU D 152 34.02 11.12 -10.14
N GLN D 153 33.01 10.27 -10.34
CA GLN D 153 31.80 10.28 -9.54
C GLN D 153 32.11 9.93 -8.09
N LEU D 154 33.02 8.98 -7.86
CA LEU D 154 33.40 8.63 -6.50
C LEU D 154 33.98 9.85 -5.78
N THR D 155 34.96 10.50 -6.42
CA THR D 155 35.60 11.66 -5.82
C THR D 155 34.57 12.75 -5.58
N ALA D 156 33.71 13.01 -6.57
CA ALA D 156 32.68 14.06 -6.49
C ALA D 156 31.75 13.79 -5.31
N LEU D 157 31.36 12.52 -5.11
CA LEU D 157 30.47 12.13 -4.03
C LEU D 157 31.16 12.30 -2.68
N THR D 158 32.43 11.90 -2.57
CA THR D 158 33.17 12.05 -1.31
C THR D 158 33.31 13.52 -0.95
N VAL D 159 33.67 14.36 -1.93
CA VAL D 159 33.76 15.79 -1.73
C VAL D 159 32.40 16.38 -1.42
N GLY D 160 31.36 15.95 -2.15
CA GLY D 160 30.03 16.49 -2.01
C GLY D 160 29.48 16.21 -0.62
N ILE D 161 29.60 14.98 -0.16
CA ILE D 161 29.05 14.56 1.13
C ILE D 161 29.82 15.27 2.24
N LEU D 162 31.15 15.35 2.11
CA LEU D 162 31.99 15.97 3.13
C LEU D 162 31.71 17.46 3.23
N LYS D 163 31.50 18.12 2.09
CA LYS D 163 31.21 19.53 2.05
C LYS D 163 29.82 19.77 2.64
N TYR D 164 28.84 19.01 2.18
CA TYR D 164 27.49 19.12 2.70
C TYR D 164 27.52 18.86 4.21
N SER D 165 28.00 17.69 4.64
CA SER D 165 28.03 17.33 6.05
C SER D 165 28.56 18.52 6.86
N ARG D 166 29.70 19.08 6.43
CA ARG D 166 30.33 20.19 7.13
C ARG D 166 29.44 21.41 7.02
N ASP D 167 29.04 21.77 5.78
CA ASP D 167 28.23 22.96 5.54
C ASP D 167 27.01 22.92 6.45
N LEU D 168 26.40 21.73 6.57
CA LEU D 168 25.21 21.53 7.39
C LEU D 168 25.57 21.71 8.86
N ALA D 169 26.65 21.06 9.29
CA ALA D 169 26.98 21.10 10.70
C ALA D 169 27.27 22.54 11.12
N PHE D 170 27.84 23.33 10.20
CA PHE D 170 28.11 24.74 10.46
C PHE D 170 26.79 25.49 10.63
N THR D 171 25.86 25.30 9.69
CA THR D 171 24.59 26.01 9.73
C THR D 171 23.81 25.62 10.98
N ALA D 172 23.89 24.35 11.38
CA ALA D 172 23.31 23.88 12.62
C ALA D 172 23.92 24.60 13.81
N ALA D 173 25.26 24.68 13.84
CA ALA D 173 25.95 25.27 14.97
C ALA D 173 25.58 26.74 15.10
N THR D 174 25.47 27.44 13.97
CA THR D 174 25.08 28.86 14.00
C THR D 174 23.68 29.01 14.60
N ALA D 175 22.74 28.19 14.10
CA ALA D 175 21.37 28.14 14.58
C ALA D 175 21.31 27.91 16.09
N TYR D 176 22.22 27.07 16.58
CA TYR D 176 22.28 26.72 17.98
C TYR D 176 22.82 27.89 18.80
N ALA D 177 23.83 28.59 18.26
CA ALA D 177 24.43 29.75 18.91
C ALA D 177 23.40 30.87 19.05
N ASP D 178 22.62 31.11 17.98
CA ASP D 178 21.54 32.11 18.03
C ASP D 178 20.55 31.77 19.15
N ALA D 179 20.13 30.51 19.23
CA ALA D 179 19.16 30.06 20.22
C ALA D 179 19.74 30.02 21.64
N ALA D 180 21.07 29.88 21.75
CA ALA D 180 21.81 29.86 23.00
C ALA D 180 21.04 29.08 24.07
#